data_1HIY
#
_entry.id   1HIY
#
_cell.length_a   71.620
_cell.length_b   71.620
_cell.length_c   153.800
_cell.angle_alpha   90.00
_cell.angle_beta   90.00
_cell.angle_gamma   120.00
#
_symmetry.space_group_name_H-M   'P 31 2 1'
#
loop_
_entity.id
_entity.type
_entity.pdbx_description
1 polymer 'NUCLEOSIDE DIPHOSPHATE KINASE'
2 non-polymer "3'-DEOXY 3'-AMINO ADENOSINE-5'-DIPHOSPHATE"
3 water water
#
_entity_poly.entity_id   1
_entity_poly.type   'polypeptide(L)'
_entity_poly.pdbx_seq_one_letter_code
;MSTNKVNKERTFLAVKPDGVARGLVGEIIARYEKKGFVLVGLKQLVPTKDLAESHYAEHKERPFFGGLVSFITSGPVVAM
VFEGKGVVASARLMIGVTNPLASAPGSIRGDFGVDVGRNIIHGSDSVESANREIALWFKPEELLTEVKPNPNLYE
;
_entity_poly.pdbx_strand_id   A,B,C
#
# COMPACT_ATOMS: atom_id res chain seq x y z
N VAL A 6 21.31 -17.28 2.99
CA VAL A 6 21.83 -17.17 1.59
C VAL A 6 20.86 -16.36 0.73
N ASN A 7 21.43 -15.54 -0.15
CA ASN A 7 20.68 -14.68 -1.06
C ASN A 7 20.31 -15.47 -2.33
N LYS A 8 20.22 -16.79 -2.22
CA LYS A 8 19.88 -17.61 -3.38
C LYS A 8 18.47 -18.15 -3.23
N GLU A 9 17.83 -17.86 -2.11
CA GLU A 9 16.50 -18.38 -1.94
C GLU A 9 15.69 -17.94 -3.13
N ARG A 10 15.02 -18.89 -3.75
CA ARG A 10 14.17 -18.63 -4.90
C ARG A 10 12.72 -18.99 -4.57
N THR A 11 11.77 -18.53 -5.37
CA THR A 11 10.38 -18.88 -5.13
C THR A 11 9.74 -18.97 -6.46
N PHE A 12 8.54 -19.52 -6.51
CA PHE A 12 7.90 -19.62 -7.78
C PHE A 12 6.62 -18.86 -7.77
N LEU A 13 6.45 -17.96 -8.74
CA LEU A 13 5.23 -17.18 -8.85
C LEU A 13 4.60 -17.45 -10.22
N ALA A 14 3.28 -17.44 -10.29
CA ALA A 14 2.59 -17.65 -11.55
C ALA A 14 1.35 -16.75 -11.50
N VAL A 15 1.24 -15.84 -12.46
CA VAL A 15 0.11 -14.90 -12.56
C VAL A 15 -0.80 -15.80 -13.36
N LYS A 16 -1.95 -16.11 -12.81
CA LYS A 16 -2.87 -17.02 -13.50
C LYS A 16 -3.62 -16.34 -14.61
N PRO A 17 -4.36 -17.10 -15.43
CA PRO A 17 -5.13 -16.56 -16.55
C PRO A 17 -6.04 -15.35 -16.28
N ASP A 18 -6.20 -14.95 -15.02
CA ASP A 18 -7.05 -13.80 -14.69
C ASP A 18 -6.23 -12.52 -14.47
N GLY A 19 -5.04 -12.63 -13.90
CA GLY A 19 -4.20 -11.46 -13.71
C GLY A 19 -3.65 -11.15 -15.10
N VAL A 20 -3.60 -12.17 -15.92
CA VAL A 20 -3.10 -12.03 -17.27
C VAL A 20 -4.11 -11.33 -18.18
N ALA A 21 -5.32 -11.86 -18.30
CA ALA A 21 -6.31 -11.23 -19.18
C ALA A 21 -6.70 -9.86 -18.63
N ARG A 22 -6.42 -9.61 -17.36
CA ARG A 22 -6.78 -8.32 -16.77
C ARG A 22 -5.71 -7.23 -16.94
N GLY A 23 -4.57 -7.55 -17.58
CA GLY A 23 -3.49 -6.61 -17.80
C GLY A 23 -2.61 -6.31 -16.59
N LEU A 24 -2.30 -7.32 -15.78
CA LEU A 24 -1.48 -7.14 -14.58
C LEU A 24 -0.06 -7.68 -14.59
N VAL A 25 0.34 -8.38 -15.64
CA VAL A 25 1.69 -8.92 -15.64
C VAL A 25 2.81 -7.93 -15.30
N GLY A 26 2.79 -6.76 -15.92
CA GLY A 26 3.86 -5.80 -15.66
C GLY A 26 3.79 -5.22 -14.28
N GLU A 27 2.58 -4.84 -13.90
CA GLU A 27 2.35 -4.27 -12.60
C GLU A 27 2.92 -5.20 -11.53
N ILE A 28 2.50 -6.47 -11.58
CA ILE A 28 2.98 -7.48 -10.65
C ILE A 28 4.48 -7.68 -10.67
N ILE A 29 5.08 -7.90 -11.85
CA ILE A 29 6.54 -8.07 -11.95
C ILE A 29 7.18 -6.84 -11.34
N ALA A 30 6.73 -5.68 -11.80
CA ALA A 30 7.22 -4.37 -11.32
C ALA A 30 7.38 -4.32 -9.79
N ARG A 31 6.39 -4.80 -9.05
CA ARG A 31 6.45 -4.81 -7.59
C ARG A 31 7.58 -5.64 -7.05
N TYR A 32 7.91 -6.75 -7.68
CA TYR A 32 9.02 -7.54 -7.15
C TYR A 32 10.39 -6.94 -7.47
N GLU A 33 10.49 -6.32 -8.66
CA GLU A 33 11.71 -5.61 -9.14
C GLU A 33 12.07 -4.47 -8.23
N LYS A 34 11.05 -3.76 -7.76
CA LYS A 34 11.22 -2.64 -6.85
C LYS A 34 11.64 -3.05 -5.44
N LYS A 35 11.12 -4.15 -4.93
CA LYS A 35 11.46 -4.66 -3.59
C LYS A 35 12.96 -5.00 -3.55
N GLY A 36 13.48 -5.56 -4.65
CA GLY A 36 14.89 -5.88 -4.72
C GLY A 36 15.20 -7.28 -5.20
N PHE A 37 14.20 -8.00 -5.70
CA PHE A 37 14.43 -9.36 -6.14
C PHE A 37 14.73 -9.47 -7.60
N VAL A 38 15.54 -10.47 -7.94
CA VAL A 38 15.95 -10.71 -9.29
C VAL A 38 15.06 -11.70 -9.98
N LEU A 39 14.93 -11.57 -11.29
CA LEU A 39 14.07 -12.43 -12.07
C LEU A 39 15.04 -13.42 -12.69
N VAL A 40 14.99 -14.67 -12.24
CA VAL A 40 15.88 -15.70 -12.78
C VAL A 40 15.22 -16.62 -13.83
N GLY A 41 13.95 -16.37 -14.17
CA GLY A 41 13.27 -17.19 -15.15
C GLY A 41 11.94 -16.52 -15.41
N LEU A 42 11.36 -16.76 -16.57
CA LEU A 42 10.11 -16.10 -16.90
C LEU A 42 9.68 -16.61 -18.22
N LYS A 43 8.40 -16.90 -18.39
CA LYS A 43 7.90 -17.38 -19.69
C LYS A 43 6.39 -17.44 -19.72
N GLN A 44 5.83 -17.47 -20.92
CA GLN A 44 4.38 -17.55 -21.06
C GLN A 44 4.08 -18.94 -21.65
N LEU A 45 3.01 -19.56 -21.18
CA LEU A 45 2.64 -20.89 -21.62
C LEU A 45 1.25 -21.14 -21.14
N VAL A 46 0.59 -22.10 -21.76
CA VAL A 46 -0.75 -22.43 -21.35
C VAL A 46 -0.55 -23.77 -20.67
N PRO A 47 -0.68 -23.79 -19.33
CA PRO A 47 -0.50 -24.99 -18.50
C PRO A 47 -1.33 -26.19 -18.96
N THR A 48 -0.76 -27.38 -18.81
CA THR A 48 -1.44 -28.62 -19.17
C THR A 48 -2.18 -29.19 -17.96
N LYS A 49 -3.32 -29.86 -18.22
CA LYS A 49 -4.11 -30.51 -17.18
C LYS A 49 -3.13 -31.31 -16.32
N ASP A 50 -2.25 -32.04 -16.99
CA ASP A 50 -1.23 -32.84 -16.33
C ASP A 50 -0.40 -31.97 -15.41
N LEU A 51 -0.04 -30.77 -15.85
CA LEU A 51 0.78 -29.88 -15.02
C LEU A 51 -0.05 -29.19 -13.96
N ALA A 52 -1.31 -28.94 -14.30
CA ALA A 52 -2.22 -28.29 -13.39
C ALA A 52 -2.45 -29.20 -12.17
N GLU A 53 -2.82 -30.46 -12.42
CA GLU A 53 -3.10 -31.44 -11.36
C GLU A 53 -1.88 -31.69 -10.45
N SER A 54 -0.68 -31.73 -11.02
CA SER A 54 0.53 -31.95 -10.21
C SER A 54 0.96 -30.71 -9.47
N HIS A 55 0.72 -29.56 -10.09
CA HIS A 55 1.08 -28.31 -9.49
C HIS A 55 0.22 -28.19 -8.23
N TYR A 56 -1.06 -28.47 -8.41
CA TYR A 56 -2.05 -28.39 -7.36
C TYR A 56 -2.25 -29.74 -6.64
N ALA A 57 -1.17 -30.52 -6.54
CA ALA A 57 -1.20 -31.86 -5.93
C ALA A 57 -1.95 -31.99 -4.60
N GLU A 58 -1.57 -31.17 -3.62
CA GLU A 58 -2.18 -31.22 -2.28
C GLU A 58 -3.65 -30.85 -2.15
N HIS A 59 -4.34 -30.58 -3.24
CA HIS A 59 -5.75 -30.24 -3.15
C HIS A 59 -6.55 -31.23 -3.98
N LYS A 60 -5.95 -32.39 -4.25
CA LYS A 60 -6.56 -33.45 -5.07
C LYS A 60 -7.95 -33.93 -4.66
N GLU A 61 -8.23 -33.86 -3.37
CA GLU A 61 -9.51 -34.34 -2.85
C GLU A 61 -10.54 -33.29 -2.49
N ARG A 62 -10.16 -32.00 -2.53
CA ARG A 62 -11.06 -30.90 -2.17
C ARG A 62 -12.06 -30.55 -3.26
N PRO A 63 -13.28 -30.13 -2.87
CA PRO A 63 -14.32 -29.78 -3.86
C PRO A 63 -13.86 -28.88 -5.04
N PHE A 64 -13.03 -27.90 -4.73
CA PHE A 64 -12.58 -26.96 -5.74
C PHE A 64 -11.45 -27.38 -6.69
N PHE A 65 -10.71 -28.44 -6.38
CA PHE A 65 -9.62 -28.90 -7.24
C PHE A 65 -10.10 -28.99 -8.69
N GLY A 66 -11.37 -29.37 -8.83
CA GLY A 66 -11.98 -29.46 -10.13
C GLY A 66 -11.98 -28.05 -10.67
N GLY A 67 -12.71 -27.14 -10.02
CA GLY A 67 -12.75 -25.75 -10.47
C GLY A 67 -11.38 -25.08 -10.65
N LEU A 68 -10.36 -25.58 -9.99
CA LEU A 68 -9.03 -25.00 -10.08
C LEU A 68 -8.35 -25.31 -11.38
N VAL A 69 -7.82 -26.52 -11.49
CA VAL A 69 -7.08 -26.95 -12.68
C VAL A 69 -7.79 -26.58 -13.99
N SER A 70 -9.11 -26.57 -13.95
CA SER A 70 -9.87 -26.20 -15.13
C SER A 70 -9.43 -24.80 -15.52
N PHE A 71 -9.61 -23.88 -14.60
CA PHE A 71 -9.24 -22.50 -14.84
C PHE A 71 -7.73 -22.26 -15.06
N ILE A 72 -6.86 -22.83 -14.24
CA ILE A 72 -5.44 -22.58 -14.43
C ILE A 72 -4.85 -23.00 -15.78
N THR A 73 -5.68 -23.63 -16.62
CA THR A 73 -5.26 -24.09 -17.94
C THR A 73 -6.30 -23.63 -18.96
N SER A 74 -7.13 -22.68 -18.57
CA SER A 74 -8.15 -22.13 -19.46
C SER A 74 -7.53 -20.99 -20.29
N GLY A 75 -6.25 -20.73 -20.03
CA GLY A 75 -5.56 -19.68 -20.72
C GLY A 75 -4.11 -19.70 -20.32
N PRO A 76 -3.33 -18.71 -20.79
CA PRO A 76 -1.90 -18.51 -20.56
C PRO A 76 -1.60 -18.17 -19.13
N VAL A 77 -0.40 -18.47 -18.68
CA VAL A 77 0.03 -18.20 -17.34
C VAL A 77 1.44 -17.69 -17.48
N VAL A 78 1.77 -16.61 -16.80
CA VAL A 78 3.12 -16.07 -16.82
C VAL A 78 3.84 -16.64 -15.61
N ALA A 79 4.57 -17.72 -15.82
CA ALA A 79 5.32 -18.37 -14.75
C ALA A 79 6.67 -17.71 -14.58
N MET A 80 7.09 -17.51 -13.34
CA MET A 80 8.36 -16.88 -13.07
C MET A 80 8.99 -17.33 -11.77
N VAL A 81 10.25 -16.95 -11.56
CA VAL A 81 11.06 -17.31 -10.40
C VAL A 81 11.85 -16.10 -9.96
N PHE A 82 11.74 -15.72 -8.71
CA PHE A 82 12.48 -14.59 -8.22
C PHE A 82 13.45 -15.07 -7.15
N GLU A 83 14.58 -14.39 -7.01
CA GLU A 83 15.58 -14.82 -6.07
C GLU A 83 16.02 -13.70 -5.17
N GLY A 84 16.43 -14.03 -3.95
CA GLY A 84 16.84 -13.02 -3.00
C GLY A 84 16.51 -13.53 -1.62
N LYS A 85 17.09 -12.85 -0.63
CA LYS A 85 16.91 -13.17 0.78
C LYS A 85 15.46 -13.16 1.30
N GLY A 86 14.95 -14.31 1.71
CA GLY A 86 13.61 -14.35 2.24
C GLY A 86 12.56 -14.23 1.17
N VAL A 87 12.97 -14.33 -0.09
CA VAL A 87 12.04 -14.21 -1.20
C VAL A 87 10.78 -15.00 -1.05
N VAL A 88 10.88 -16.20 -0.48
CA VAL A 88 9.68 -17.04 -0.38
C VAL A 88 8.58 -16.48 0.51
N ALA A 89 8.95 -16.02 1.69
CA ALA A 89 7.98 -15.47 2.60
C ALA A 89 7.56 -14.04 2.26
N SER A 90 8.50 -13.23 1.74
CA SER A 90 8.18 -11.83 1.39
C SER A 90 7.16 -11.78 0.27
N ALA A 91 7.34 -12.66 -0.71
CA ALA A 91 6.44 -12.71 -1.85
C ALA A 91 5.00 -12.98 -1.42
N ARG A 92 4.83 -13.94 -0.49
CA ARG A 92 3.51 -14.33 0.05
C ARG A 92 2.90 -13.11 0.69
N LEU A 93 3.68 -12.52 1.59
CA LEU A 93 3.30 -11.30 2.28
C LEU A 93 2.81 -10.25 1.28
N MET A 94 3.54 -10.12 0.17
CA MET A 94 3.22 -9.17 -0.88
C MET A 94 2.00 -9.58 -1.66
N ILE A 95 1.80 -10.89 -1.81
CA ILE A 95 0.62 -11.43 -2.49
C ILE A 95 -0.73 -11.21 -1.73
N GLY A 96 -0.67 -11.33 -0.40
CA GLY A 96 -1.85 -11.12 0.42
C GLY A 96 -2.27 -12.43 1.04
N VAL A 97 -3.56 -12.63 1.26
CA VAL A 97 -4.04 -13.90 1.82
C VAL A 97 -4.93 -14.61 0.78
N THR A 98 -5.40 -15.82 1.06
CA THR A 98 -6.20 -16.54 0.05
C THR A 98 -7.40 -15.82 -0.53
N ASN A 99 -8.13 -15.13 0.33
CA ASN A 99 -9.31 -14.38 -0.10
C ASN A 99 -8.96 -12.90 -0.34
N PRO A 100 -9.07 -12.45 -1.60
CA PRO A 100 -8.78 -11.08 -1.98
C PRO A 100 -9.41 -10.05 -1.08
N LEU A 101 -10.64 -10.30 -0.68
CA LEU A 101 -11.34 -9.37 0.16
C LEU A 101 -10.80 -9.20 1.54
N ALA A 102 -9.95 -10.10 1.99
CA ALA A 102 -9.43 -9.97 3.34
C ALA A 102 -8.02 -9.52 3.26
N SER A 103 -7.52 -9.34 2.05
CA SER A 103 -6.13 -8.93 1.82
C SER A 103 -6.00 -7.45 2.06
N ALA A 104 -5.03 -7.07 2.85
CA ALA A 104 -4.83 -5.67 3.19
C ALA A 104 -4.54 -4.92 1.93
N PRO A 105 -4.88 -3.64 1.89
CA PRO A 105 -4.63 -2.80 0.72
C PRO A 105 -3.12 -2.65 0.64
N GLY A 106 -2.57 -2.68 -0.58
CA GLY A 106 -1.12 -2.57 -0.78
C GLY A 106 -0.50 -3.89 -1.21
N SER A 107 -1.26 -4.96 -1.11
CA SER A 107 -0.79 -6.28 -1.48
C SER A 107 -1.44 -6.54 -2.79
N ILE A 108 -0.85 -7.40 -3.58
CA ILE A 108 -1.42 -7.67 -4.88
C ILE A 108 -2.91 -8.04 -4.77
N ARG A 109 -3.24 -9.06 -3.99
CA ARG A 109 -4.65 -9.46 -3.85
C ARG A 109 -5.50 -8.38 -3.22
N GLY A 110 -4.97 -7.70 -2.23
CA GLY A 110 -5.74 -6.66 -1.61
C GLY A 110 -6.15 -5.58 -2.58
N ASP A 111 -5.23 -5.20 -3.47
CA ASP A 111 -5.49 -4.14 -4.44
C ASP A 111 -6.28 -4.53 -5.69
N PHE A 112 -6.11 -5.74 -6.20
CA PHE A 112 -6.81 -6.08 -7.42
C PHE A 112 -7.75 -7.24 -7.30
N GLY A 113 -7.73 -7.92 -6.16
CA GLY A 113 -8.55 -9.11 -6.04
C GLY A 113 -9.87 -8.94 -5.39
N VAL A 114 -10.82 -9.80 -5.78
CA VAL A 114 -12.14 -9.75 -5.19
C VAL A 114 -12.78 -11.16 -4.99
N ASP A 115 -12.39 -12.14 -5.77
CA ASP A 115 -13.01 -13.45 -5.65
C ASP A 115 -11.95 -14.50 -5.56
N VAL A 116 -12.03 -15.37 -4.53
CA VAL A 116 -11.02 -16.44 -4.31
C VAL A 116 -10.69 -17.24 -5.57
N GLY A 117 -11.69 -17.52 -6.39
CA GLY A 117 -11.48 -18.27 -7.62
C GLY A 117 -10.64 -17.51 -8.65
N ARG A 118 -10.67 -16.20 -8.57
CA ARG A 118 -9.91 -15.30 -9.46
C ARG A 118 -9.07 -14.42 -8.55
N ASN A 119 -8.11 -15.04 -7.85
CA ASN A 119 -7.26 -14.33 -6.93
C ASN A 119 -5.89 -13.96 -7.46
N ILE A 120 -5.83 -13.91 -8.78
CA ILE A 120 -4.68 -13.43 -9.52
C ILE A 120 -3.35 -14.15 -9.61
N ILE A 121 -2.64 -14.26 -8.52
CA ILE A 121 -1.32 -14.83 -8.58
C ILE A 121 -1.12 -16.01 -7.64
N HIS A 122 -0.14 -16.88 -7.92
CA HIS A 122 0.18 -17.99 -7.02
C HIS A 122 1.63 -17.81 -6.63
N GLY A 123 1.98 -18.00 -5.36
CA GLY A 123 3.36 -17.87 -4.92
C GLY A 123 3.70 -18.99 -3.95
N SER A 124 4.85 -19.64 -4.12
CA SER A 124 5.23 -20.74 -3.23
C SER A 124 5.05 -20.43 -1.76
N ASP A 125 4.48 -21.38 -1.01
CA ASP A 125 4.29 -21.15 0.42
C ASP A 125 5.50 -21.45 1.25
N SER A 126 6.48 -22.14 0.66
CA SER A 126 7.73 -22.50 1.37
C SER A 126 8.84 -22.94 0.43
N VAL A 127 10.07 -22.89 0.91
CA VAL A 127 11.19 -23.34 0.11
C VAL A 127 10.94 -24.71 -0.57
N GLU A 128 10.44 -25.65 0.22
CA GLU A 128 10.16 -27.00 -0.27
C GLU A 128 9.23 -27.01 -1.47
N SER A 129 8.13 -26.28 -1.42
CA SER A 129 7.23 -26.26 -2.58
C SER A 129 7.76 -25.31 -3.66
N ALA A 130 8.56 -24.34 -3.25
CA ALA A 130 9.17 -23.43 -4.19
C ALA A 130 9.92 -24.36 -5.14
N ASN A 131 10.85 -25.11 -4.55
CA ASN A 131 11.68 -26.08 -5.28
C ASN A 131 10.89 -27.16 -6.05
N ARG A 132 9.78 -27.62 -5.51
CA ARG A 132 9.01 -28.62 -6.23
C ARG A 132 8.38 -27.90 -7.44
N GLU A 133 8.06 -26.62 -7.24
CA GLU A 133 7.41 -25.82 -8.27
C GLU A 133 8.32 -25.30 -9.34
N ILE A 134 9.54 -24.99 -8.96
CA ILE A 134 10.50 -24.48 -9.93
C ILE A 134 10.84 -25.62 -10.89
N ALA A 135 11.51 -26.63 -10.36
CA ALA A 135 11.91 -27.81 -11.12
C ALA A 135 10.83 -28.28 -12.09
N LEU A 136 9.62 -28.33 -11.56
CA LEU A 136 8.44 -28.78 -12.28
C LEU A 136 8.06 -27.97 -13.49
N TRP A 137 8.11 -26.64 -13.38
CA TRP A 137 7.73 -25.75 -14.48
C TRP A 137 8.96 -25.37 -15.29
N PHE A 138 10.10 -25.27 -14.60
CA PHE A 138 11.37 -24.88 -15.19
C PHE A 138 12.45 -25.93 -15.27
N LYS A 139 12.93 -26.11 -16.49
CA LYS A 139 14.03 -27.02 -16.81
C LYS A 139 15.22 -26.16 -16.39
N PRO A 140 16.18 -26.72 -15.64
CA PRO A 140 17.35 -25.95 -15.18
C PRO A 140 17.99 -24.98 -16.17
N GLU A 141 17.85 -25.27 -17.47
CA GLU A 141 18.43 -24.45 -18.55
C GLU A 141 17.77 -23.06 -18.67
N GLU A 142 16.49 -23.00 -18.30
CA GLU A 142 15.70 -21.78 -18.34
C GLU A 142 15.99 -20.81 -17.19
N LEU A 143 16.78 -21.24 -16.22
CA LEU A 143 17.08 -20.36 -15.10
C LEU A 143 18.42 -19.74 -15.25
N LEU A 144 18.64 -18.70 -14.49
CA LEU A 144 19.91 -18.03 -14.51
C LEU A 144 20.80 -18.78 -13.54
N THR A 145 22.01 -18.30 -13.41
CA THR A 145 22.99 -18.92 -12.54
C THR A 145 23.81 -17.79 -11.94
N GLU A 146 24.37 -16.96 -12.81
CA GLU A 146 25.16 -15.82 -12.39
C GLU A 146 24.14 -14.78 -11.98
N VAL A 147 24.19 -14.40 -10.71
CA VAL A 147 23.24 -13.44 -10.17
C VAL A 147 23.80 -12.57 -9.03
N LYS A 148 23.65 -11.26 -9.19
CA LYS A 148 24.07 -10.28 -8.20
C LYS A 148 23.16 -9.09 -8.43
N PRO A 149 22.19 -8.87 -7.54
CA PRO A 149 21.30 -7.72 -7.73
C PRO A 149 22.06 -6.48 -7.29
N ASN A 150 21.42 -5.33 -7.39
CA ASN A 150 22.07 -4.09 -7.02
C ASN A 150 22.77 -4.23 -5.69
N PRO A 151 24.09 -4.00 -5.67
CA PRO A 151 24.87 -4.12 -4.43
C PRO A 151 24.45 -3.10 -3.36
N ASN A 152 23.28 -2.49 -3.51
CA ASN A 152 22.77 -1.54 -2.53
C ASN A 152 21.59 -2.17 -1.80
N LEU A 153 21.31 -3.43 -2.16
CA LEU A 153 20.24 -4.21 -1.57
C LEU A 153 20.80 -4.95 -0.36
N TYR A 154 21.90 -5.68 -0.61
CA TYR A 154 22.54 -6.48 0.42
C TYR A 154 23.79 -5.88 1.01
N GLU A 155 24.07 -6.24 2.27
CA GLU A 155 25.26 -5.76 2.98
C GLU A 155 26.32 -6.83 2.76
N VAL B 6 -23.53 -11.93 -2.33
CA VAL B 6 -23.70 -11.98 -3.81
C VAL B 6 -22.83 -10.87 -4.43
N ASN B 7 -22.48 -11.08 -5.71
CA ASN B 7 -21.67 -10.16 -6.52
C ASN B 7 -22.52 -8.95 -6.93
N LYS B 8 -23.51 -8.63 -6.12
CA LYS B 8 -24.36 -7.52 -6.40
C LYS B 8 -24.60 -6.77 -5.11
N GLU B 9 -23.67 -6.87 -4.17
CA GLU B 9 -23.78 -6.10 -2.93
C GLU B 9 -23.38 -4.68 -3.39
N ARG B 10 -23.77 -3.64 -2.66
CA ARG B 10 -23.45 -2.27 -3.04
C ARG B 10 -23.10 -1.43 -1.82
N THR B 11 -22.14 -0.52 -1.97
CA THR B 11 -21.78 0.33 -0.85
C THR B 11 -21.90 1.76 -1.34
N PHE B 12 -22.16 2.68 -0.44
CA PHE B 12 -22.25 4.07 -0.80
C PHE B 12 -21.02 4.80 -0.27
N LEU B 13 -20.20 5.28 -1.20
CA LEU B 13 -18.98 6.00 -0.87
C LEU B 13 -19.20 7.47 -1.23
N ALA B 14 -18.50 8.35 -0.53
CA ALA B 14 -18.57 9.79 -0.79
C ALA B 14 -17.24 10.50 -0.52
N VAL B 15 -16.65 11.11 -1.55
CA VAL B 15 -15.41 11.84 -1.32
C VAL B 15 -15.84 13.21 -0.71
N LYS B 16 -15.51 13.41 0.56
CA LYS B 16 -15.89 14.62 1.26
C LYS B 16 -15.22 15.86 0.68
N PRO B 17 -15.71 17.05 1.03
CA PRO B 17 -15.15 18.30 0.52
C PRO B 17 -13.65 18.43 0.57
N ASP B 18 -13.05 17.97 1.66
CA ASP B 18 -11.60 18.05 1.77
C ASP B 18 -10.93 17.13 0.77
N GLY B 19 -11.67 16.12 0.31
CA GLY B 19 -11.15 15.21 -0.68
C GLY B 19 -11.29 15.85 -2.07
N VAL B 20 -12.47 16.36 -2.37
CA VAL B 20 -12.67 16.99 -3.68
C VAL B 20 -11.70 18.14 -3.89
N ALA B 21 -11.51 18.95 -2.87
CA ALA B 21 -10.60 20.09 -2.92
C ALA B 21 -9.10 19.79 -3.08
N ARG B 22 -8.70 18.56 -2.75
CA ARG B 22 -7.31 18.18 -2.82
C ARG B 22 -6.91 17.41 -4.07
N GLY B 23 -7.86 17.28 -4.99
CA GLY B 23 -7.59 16.59 -6.25
C GLY B 23 -7.49 15.10 -6.10
N LEU B 24 -8.30 14.57 -5.19
CA LEU B 24 -8.30 13.14 -4.92
C LEU B 24 -9.41 12.27 -5.53
N VAL B 25 -10.45 12.88 -6.09
CA VAL B 25 -11.54 12.13 -6.70
C VAL B 25 -11.06 11.01 -7.64
N GLY B 26 -10.27 11.36 -8.63
CA GLY B 26 -9.77 10.38 -9.58
C GLY B 26 -9.00 9.23 -8.95
N GLU B 27 -8.13 9.55 -7.98
CA GLU B 27 -7.31 8.54 -7.30
C GLU B 27 -8.17 7.58 -6.53
N ILE B 28 -9.06 8.15 -5.75
CA ILE B 28 -9.97 7.39 -4.94
C ILE B 28 -10.81 6.52 -5.87
N ILE B 29 -11.36 7.10 -6.91
CA ILE B 29 -12.19 6.27 -7.77
C ILE B 29 -11.42 5.16 -8.43
N ALA B 30 -10.16 5.43 -8.74
CA ALA B 30 -9.37 4.43 -9.44
C ALA B 30 -8.92 3.31 -8.54
N ARG B 31 -8.77 3.56 -7.25
CA ARG B 31 -8.41 2.48 -6.33
C ARG B 31 -9.51 1.39 -6.41
N TYR B 32 -10.76 1.83 -6.42
CA TYR B 32 -11.95 0.97 -6.49
C TYR B 32 -12.13 0.30 -7.84
N GLU B 33 -11.96 1.05 -8.91
CA GLU B 33 -12.08 0.43 -10.23
C GLU B 33 -11.01 -0.64 -10.44
N LYS B 34 -9.89 -0.44 -9.76
CA LYS B 34 -8.78 -1.37 -9.82
C LYS B 34 -9.12 -2.67 -9.09
N LYS B 35 -9.63 -2.57 -7.88
CA LYS B 35 -9.97 -3.75 -7.10
C LYS B 35 -10.89 -4.69 -7.85
N GLY B 36 -11.86 -4.13 -8.59
CA GLY B 36 -12.80 -4.93 -9.36
C GLY B 36 -14.27 -4.58 -9.16
N PHE B 37 -14.54 -3.57 -8.35
CA PHE B 37 -15.91 -3.15 -8.14
C PHE B 37 -16.41 -2.33 -9.33
N VAL B 38 -17.72 -2.28 -9.54
CA VAL B 38 -18.28 -1.52 -10.64
C VAL B 38 -19.01 -0.28 -10.16
N LEU B 39 -18.79 0.84 -10.87
CA LEU B 39 -19.43 2.13 -10.53
C LEU B 39 -20.84 2.03 -11.06
N VAL B 40 -21.77 2.20 -10.14
CA VAL B 40 -23.16 2.08 -10.45
C VAL B 40 -23.80 3.44 -10.36
N GLY B 41 -23.23 4.29 -9.52
CA GLY B 41 -23.78 5.62 -9.34
C GLY B 41 -22.63 6.57 -9.12
N LEU B 42 -22.83 7.81 -9.58
CA LEU B 42 -21.82 8.85 -9.47
C LEU B 42 -22.39 10.22 -9.78
N LYS B 43 -22.07 11.20 -8.93
CA LYS B 43 -22.53 12.55 -9.17
C LYS B 43 -21.97 13.55 -8.18
N GLN B 44 -21.74 14.79 -8.64
CA GLN B 44 -21.24 15.85 -7.76
C GLN B 44 -22.39 16.79 -7.44
N LEU B 45 -22.50 17.14 -6.17
CA LEU B 45 -23.56 18.00 -5.72
C LEU B 45 -23.00 18.65 -4.49
N VAL B 46 -23.79 19.54 -3.88
CA VAL B 46 -23.38 20.18 -2.64
C VAL B 46 -24.46 19.73 -1.68
N PRO B 47 -24.08 18.95 -0.67
CA PRO B 47 -25.10 18.48 0.26
C PRO B 47 -25.84 19.60 0.97
N THR B 48 -27.16 19.43 0.97
CA THR B 48 -28.08 20.34 1.62
C THR B 48 -28.02 19.94 3.09
N LYS B 49 -28.16 20.90 4.00
CA LYS B 49 -28.12 20.67 5.45
C LYS B 49 -29.08 19.55 5.86
N ASP B 50 -30.15 19.42 5.10
CA ASP B 50 -31.15 18.38 5.33
C ASP B 50 -30.42 17.03 5.23
N LEU B 51 -29.92 16.72 4.02
CA LEU B 51 -29.22 15.47 3.73
C LEU B 51 -28.10 15.16 4.71
N ALA B 52 -27.35 16.18 5.06
CA ALA B 52 -26.24 16.00 5.98
C ALA B 52 -26.68 15.58 7.37
N GLU B 53 -27.87 16.02 7.79
CA GLU B 53 -28.38 15.68 9.11
C GLU B 53 -28.98 14.29 9.11
N SER B 54 -29.69 13.97 8.03
CA SER B 54 -30.26 12.64 7.92
C SER B 54 -29.06 11.68 7.83
N HIS B 55 -28.21 11.88 6.83
CA HIS B 55 -27.02 11.05 6.60
C HIS B 55 -26.14 10.84 7.82
N TYR B 56 -25.92 11.90 8.60
CA TYR B 56 -25.07 11.80 9.79
C TYR B 56 -25.88 11.67 11.08
N ALA B 57 -27.16 11.34 10.91
CA ALA B 57 -28.11 11.17 12.01
C ALA B 57 -27.57 10.48 13.27
N GLU B 58 -27.22 9.21 13.13
CA GLU B 58 -26.70 8.39 14.23
C GLU B 58 -25.81 9.09 15.27
N HIS B 59 -25.23 10.25 14.93
CA HIS B 59 -24.35 10.96 15.86
C HIS B 59 -24.92 12.22 16.49
N LYS B 60 -26.24 12.39 16.37
CA LYS B 60 -26.94 13.55 16.92
C LYS B 60 -26.54 13.84 18.37
N GLU B 61 -26.84 12.90 19.26
CA GLU B 61 -26.48 13.07 20.66
C GLU B 61 -24.98 13.15 20.75
N ARG B 62 -24.30 12.55 19.77
CA ARG B 62 -22.86 12.61 19.76
C ARG B 62 -22.50 14.07 19.52
N PRO B 63 -21.60 14.60 20.33
CA PRO B 63 -21.07 15.97 20.35
C PRO B 63 -20.68 16.61 19.01
N PHE B 64 -19.72 15.98 18.33
CA PHE B 64 -19.17 16.45 17.05
C PHE B 64 -20.12 16.49 15.87
N PHE B 65 -21.42 16.32 16.12
CA PHE B 65 -22.42 16.39 15.04
C PHE B 65 -22.28 17.78 14.38
N GLY B 66 -22.02 18.79 15.22
CA GLY B 66 -21.87 20.15 14.74
C GLY B 66 -20.98 20.28 13.52
N GLY B 67 -19.74 19.83 13.66
CA GLY B 67 -18.78 19.90 12.57
C GLY B 67 -19.09 19.04 11.35
N LEU B 68 -19.39 17.77 11.59
CA LEU B 68 -19.66 16.84 10.50
C LEU B 68 -20.58 17.39 9.43
N VAL B 69 -21.66 18.02 9.88
CA VAL B 69 -22.63 18.58 8.96
C VAL B 69 -22.26 19.91 8.36
N SER B 70 -21.71 20.80 9.18
CA SER B 70 -21.33 22.12 8.70
C SER B 70 -20.24 21.92 7.65
N PHE B 71 -19.21 21.16 8.02
CA PHE B 71 -18.11 20.85 7.13
C PHE B 71 -18.61 20.18 5.87
N ILE B 72 -19.39 19.12 6.03
CA ILE B 72 -19.85 18.38 4.86
C ILE B 72 -20.70 19.18 3.90
N THR B 73 -21.30 20.28 4.35
CA THR B 73 -22.13 21.13 3.47
C THR B 73 -21.28 22.28 2.90
N SER B 74 -20.08 22.44 3.47
CA SER B 74 -19.12 23.48 3.09
C SER B 74 -18.47 23.39 1.72
N GLY B 75 -19.07 22.67 0.77
CA GLY B 75 -18.47 22.53 -0.56
C GLY B 75 -18.96 21.34 -1.38
N PRO B 76 -18.47 21.14 -2.62
CA PRO B 76 -18.98 19.99 -3.39
C PRO B 76 -18.58 18.63 -2.83
N VAL B 77 -19.35 17.63 -3.23
CA VAL B 77 -19.18 16.27 -2.81
C VAL B 77 -19.35 15.42 -4.04
N VAL B 78 -18.57 14.34 -4.10
CA VAL B 78 -18.68 13.39 -5.21
C VAL B 78 -19.21 12.12 -4.57
N ALA B 79 -20.49 11.88 -4.84
CA ALA B 79 -21.22 10.77 -4.32
C ALA B 79 -21.01 9.59 -5.23
N MET B 80 -20.76 8.42 -4.61
CA MET B 80 -20.50 7.19 -5.36
C MET B 80 -21.22 5.95 -4.79
N VAL B 81 -21.56 5.02 -5.68
CA VAL B 81 -22.20 3.80 -5.29
C VAL B 81 -21.52 2.72 -6.11
N PHE B 82 -20.76 1.89 -5.43
CA PHE B 82 -20.04 0.80 -6.05
C PHE B 82 -20.75 -0.52 -5.73
N GLU B 83 -20.75 -1.43 -6.70
CA GLU B 83 -21.35 -2.75 -6.59
C GLU B 83 -20.28 -3.85 -6.59
N GLY B 84 -20.43 -4.89 -5.80
CA GLY B 84 -19.43 -5.93 -5.82
C GLY B 84 -19.53 -6.85 -4.64
N LYS B 85 -19.05 -8.07 -4.85
CA LYS B 85 -19.06 -9.08 -3.80
C LYS B 85 -18.35 -8.48 -2.61
N GLY B 86 -19.06 -8.34 -1.50
CA GLY B 86 -18.46 -7.80 -0.29
C GLY B 86 -17.91 -6.39 -0.38
N VAL B 87 -18.44 -5.58 -1.29
CA VAL B 87 -17.96 -4.21 -1.46
C VAL B 87 -18.02 -3.42 -0.19
N VAL B 88 -19.10 -3.59 0.55
CA VAL B 88 -19.26 -2.81 1.78
C VAL B 88 -18.11 -2.93 2.74
N ALA B 89 -17.75 -4.16 3.11
CA ALA B 89 -16.65 -4.36 4.05
C ALA B 89 -15.28 -4.12 3.44
N SER B 90 -15.13 -4.44 2.16
CA SER B 90 -13.87 -4.23 1.44
C SER B 90 -13.54 -2.71 1.27
N ALA B 91 -14.56 -1.93 0.90
CA ALA B 91 -14.40 -0.52 0.68
C ALA B 91 -13.95 0.17 1.96
N ARG B 92 -14.59 -0.15 3.09
CA ARG B 92 -14.21 0.45 4.38
C ARG B 92 -12.79 0.04 4.75
N LEU B 93 -12.37 -1.15 4.33
CA LEU B 93 -11.00 -1.61 4.62
C LEU B 93 -10.01 -0.78 3.84
N MET B 94 -10.33 -0.54 2.58
CA MET B 94 -9.46 0.28 1.73
C MET B 94 -9.37 1.69 2.25
N ILE B 95 -10.42 2.15 2.90
CA ILE B 95 -10.44 3.49 3.46
C ILE B 95 -9.50 3.66 4.64
N GLY B 96 -9.35 2.64 5.47
CA GLY B 96 -8.50 2.74 6.65
C GLY B 96 -9.38 2.95 7.88
N VAL B 97 -8.85 3.44 9.01
CA VAL B 97 -9.69 3.67 10.23
C VAL B 97 -9.98 5.14 10.40
N THR B 98 -10.92 5.45 11.29
CA THR B 98 -11.38 6.82 11.56
C THR B 98 -10.31 7.91 11.62
N ASN B 99 -9.21 7.63 12.31
CA ASN B 99 -8.12 8.58 12.42
C ASN B 99 -7.16 8.25 11.31
N PRO B 100 -6.84 9.23 10.45
CA PRO B 100 -5.92 9.01 9.34
C PRO B 100 -4.51 8.74 9.84
N LEU B 101 -4.21 9.17 11.05
CA LEU B 101 -2.87 8.90 11.60
C LEU B 101 -2.75 7.42 12.02
N ALA B 102 -3.90 6.83 12.30
CA ALA B 102 -3.96 5.44 12.71
C ALA B 102 -4.08 4.52 11.52
N SER B 103 -4.51 5.05 10.37
CA SER B 103 -4.66 4.25 9.16
C SER B 103 -3.28 3.85 8.64
N ALA B 104 -3.19 2.67 8.07
CA ALA B 104 -1.91 2.22 7.60
C ALA B 104 -1.80 2.55 6.15
N PRO B 105 -0.56 2.68 5.67
CA PRO B 105 -0.27 3.00 4.30
C PRO B 105 -0.92 1.97 3.40
N GLY B 106 -1.50 2.43 2.31
CA GLY B 106 -2.13 1.50 1.39
C GLY B 106 -3.57 1.83 1.29
N SER B 107 -4.11 2.44 2.35
CA SER B 107 -5.51 2.87 2.45
C SER B 107 -5.60 4.35 2.18
N ILE B 108 -6.75 4.77 1.70
CA ILE B 108 -7.02 6.13 1.34
C ILE B 108 -6.63 7.09 2.46
N ARG B 109 -7.13 6.87 3.67
CA ARG B 109 -6.78 7.73 4.80
C ARG B 109 -5.34 7.63 5.30
N GLY B 110 -4.67 6.52 5.03
CA GLY B 110 -3.32 6.42 5.52
C GLY B 110 -2.34 7.06 4.60
N ASP B 111 -2.64 7.00 3.31
CA ASP B 111 -1.77 7.55 2.31
C ASP B 111 -1.93 9.07 2.21
N PHE B 112 -3.15 9.54 2.48
CA PHE B 112 -3.50 10.94 2.36
C PHE B 112 -3.93 11.82 3.50
N GLY B 113 -4.49 11.29 4.58
CA GLY B 113 -4.98 12.19 5.61
C GLY B 113 -4.18 12.23 6.88
N VAL B 114 -4.26 13.33 7.62
CA VAL B 114 -3.56 13.37 8.88
C VAL B 114 -4.40 13.89 10.02
N ASP B 115 -5.62 14.35 9.75
CA ASP B 115 -6.48 14.87 10.83
C ASP B 115 -7.87 14.25 10.79
N VAL B 116 -8.34 13.79 11.94
CA VAL B 116 -9.67 13.15 12.03
C VAL B 116 -10.81 13.98 11.47
N GLY B 117 -10.77 15.30 11.70
CA GLY B 117 -11.83 16.17 11.22
C GLY B 117 -12.03 16.22 9.71
N ARG B 118 -10.93 16.18 8.97
CA ARG B 118 -10.93 16.21 7.50
C ARG B 118 -10.27 14.93 7.02
N ASN B 119 -11.01 13.83 7.06
CA ASN B 119 -10.45 12.56 6.65
C ASN B 119 -10.93 12.06 5.31
N ILE B 120 -11.07 12.99 4.38
CA ILE B 120 -11.36 12.70 2.99
C ILE B 120 -12.55 11.94 2.48
N ILE B 121 -12.88 10.80 3.07
CA ILE B 121 -13.99 10.03 2.50
C ILE B 121 -14.82 9.29 3.54
N HIS B 122 -16.12 9.17 3.25
CA HIS B 122 -17.04 8.44 4.12
C HIS B 122 -17.43 7.22 3.32
N GLY B 123 -17.64 6.09 4.00
CA GLY B 123 -18.07 4.88 3.34
C GLY B 123 -19.09 4.20 4.22
N SER B 124 -20.12 3.60 3.64
CA SER B 124 -21.16 2.91 4.42
C SER B 124 -20.51 1.84 5.33
N ASP B 125 -20.89 1.81 6.61
CA ASP B 125 -20.33 0.83 7.56
C ASP B 125 -20.90 -0.61 7.54
N SER B 126 -22.10 -0.79 6.99
CA SER B 126 -22.75 -2.11 6.93
C SER B 126 -23.76 -2.18 5.76
N VAL B 127 -24.21 -3.37 5.38
CA VAL B 127 -25.17 -3.45 4.28
C VAL B 127 -26.45 -2.75 4.72
N GLU B 128 -26.57 -2.54 6.04
CA GLU B 128 -27.73 -1.86 6.64
C GLU B 128 -27.67 -0.39 6.25
N SER B 129 -26.56 0.26 6.57
CA SER B 129 -26.34 1.68 6.25
C SER B 129 -26.18 1.97 4.73
N ALA B 130 -25.60 1.04 3.97
CA ALA B 130 -25.44 1.25 2.55
C ALA B 130 -26.79 1.48 1.88
N ASN B 131 -27.71 0.52 1.92
CA ASN B 131 -29.01 0.73 1.25
C ASN B 131 -29.75 1.94 1.75
N ARG B 132 -29.51 2.28 3.00
CA ARG B 132 -30.15 3.43 3.59
C ARG B 132 -29.57 4.70 2.93
N GLU B 133 -28.24 4.83 3.03
CA GLU B 133 -27.50 5.95 2.49
C GLU B 133 -27.60 6.07 0.97
N ILE B 134 -27.60 4.93 0.27
CA ILE B 134 -27.71 4.94 -1.20
C ILE B 134 -29.02 5.55 -1.71
N ALA B 135 -30.12 5.32 -0.99
CA ALA B 135 -31.44 5.82 -1.36
C ALA B 135 -31.60 7.29 -0.99
N LEU B 136 -31.01 7.65 0.14
CA LEU B 136 -31.05 9.01 0.64
C LEU B 136 -30.23 10.00 -0.24
N TRP B 137 -29.14 9.53 -0.87
CA TRP B 137 -28.30 10.40 -1.69
C TRP B 137 -28.49 10.17 -3.18
N PHE B 138 -29.12 9.06 -3.55
CA PHE B 138 -29.35 8.75 -4.96
C PHE B 138 -30.82 8.42 -5.20
N LYS B 139 -31.20 8.53 -6.47
CA LYS B 139 -32.57 8.30 -6.90
C LYS B 139 -32.54 7.10 -7.84
N PRO B 140 -33.49 6.15 -7.68
CA PRO B 140 -33.57 4.94 -8.51
C PRO B 140 -33.13 5.03 -9.97
N GLU B 141 -33.44 6.14 -10.64
CA GLU B 141 -33.08 6.35 -12.05
C GLU B 141 -31.60 6.68 -12.38
N GLU B 142 -30.88 7.21 -11.37
CA GLU B 142 -29.46 7.56 -11.51
C GLU B 142 -28.55 6.33 -11.40
N LEU B 143 -28.99 5.35 -10.59
CA LEU B 143 -28.26 4.10 -10.35
C LEU B 143 -28.49 3.09 -11.48
N LEU B 144 -27.41 2.53 -12.03
CA LEU B 144 -27.51 1.54 -13.11
C LEU B 144 -28.26 0.30 -12.62
N THR B 145 -28.99 -0.34 -13.52
CA THR B 145 -29.72 -1.56 -13.19
C THR B 145 -28.98 -2.71 -13.90
N GLU B 146 -28.33 -2.36 -15.03
CA GLU B 146 -27.54 -3.30 -15.85
C GLU B 146 -26.07 -3.37 -15.42
N VAL B 147 -25.66 -4.55 -14.96
CA VAL B 147 -24.30 -4.77 -14.52
C VAL B 147 -23.69 -5.99 -15.18
N LYS B 148 -22.54 -5.78 -15.80
CA LYS B 148 -21.83 -6.87 -16.44
C LYS B 148 -20.50 -7.00 -15.67
N PRO B 149 -20.47 -7.86 -14.64
CA PRO B 149 -19.30 -8.09 -13.80
C PRO B 149 -18.21 -8.84 -14.58
N ASN B 150 -17.02 -8.26 -14.64
CA ASN B 150 -15.91 -8.87 -15.39
C ASN B 150 -15.77 -10.38 -15.05
N PRO B 151 -15.64 -11.22 -16.08
CA PRO B 151 -15.50 -12.69 -15.98
C PRO B 151 -14.18 -13.13 -15.39
N ASN B 152 -13.20 -12.23 -15.45
CA ASN B 152 -11.89 -12.52 -14.90
C ASN B 152 -11.90 -12.07 -13.46
N LEU B 153 -13.05 -11.57 -13.01
CA LEU B 153 -13.24 -11.06 -11.66
C LEU B 153 -13.87 -12.06 -10.68
N TYR B 154 -15.05 -12.52 -11.04
CA TYR B 154 -15.79 -13.49 -10.24
C TYR B 154 -15.80 -14.78 -10.98
N GLU B 155 -15.91 -15.85 -10.22
CA GLU B 155 -15.94 -17.20 -10.75
C GLU B 155 -17.41 -17.55 -11.04
N VAL C 6 0.82 21.52 18.83
CA VAL C 6 -0.40 21.85 18.12
C VAL C 6 -0.20 22.04 16.61
N ASN C 7 -0.14 20.93 15.86
CA ASN C 7 0.09 20.95 14.37
C ASN C 7 1.50 21.41 13.93
N LYS C 8 2.44 21.48 14.87
CA LYS C 8 3.78 21.91 14.56
C LYS C 8 4.82 20.84 14.80
N GLU C 9 4.38 19.66 15.23
CA GLU C 9 5.30 18.56 15.51
C GLU C 9 6.18 18.31 14.29
N ARG C 10 7.45 18.00 14.54
CA ARG C 10 8.43 17.75 13.50
C ARG C 10 9.28 16.52 13.74
N THR C 11 9.70 15.92 12.65
CA THR C 11 10.54 14.76 12.72
C THR C 11 11.65 14.94 11.73
N PHE C 12 12.79 14.32 12.00
CA PHE C 12 13.89 14.41 11.10
C PHE C 12 14.06 13.05 10.44
N LEU C 13 13.85 13.00 9.13
CA LEU C 13 14.02 11.77 8.36
C LEU C 13 15.28 12.03 7.54
N ALA C 14 15.88 10.96 7.01
CA ALA C 14 17.07 11.07 6.20
C ALA C 14 17.18 9.83 5.30
N VAL C 15 17.24 10.01 3.99
CA VAL C 15 17.38 8.88 3.08
C VAL C 15 18.86 8.54 3.03
N LYS C 16 19.20 7.32 3.42
CA LYS C 16 20.59 6.84 3.47
C LYS C 16 21.22 6.50 2.10
N PRO C 17 22.56 6.37 2.06
CA PRO C 17 23.28 6.06 0.82
C PRO C 17 22.66 5.03 -0.08
N ASP C 18 21.82 4.14 0.44
CA ASP C 18 21.27 3.13 -0.46
C ASP C 18 19.95 3.56 -1.05
N GLY C 19 19.27 4.47 -0.38
CA GLY C 19 18.01 4.98 -0.90
C GLY C 19 18.37 6.01 -1.96
N VAL C 20 19.20 6.98 -1.56
CA VAL C 20 19.70 8.04 -2.43
C VAL C 20 20.37 7.47 -3.67
N ALA C 21 21.02 6.32 -3.55
CA ALA C 21 21.67 5.71 -4.70
C ALA C 21 20.79 4.77 -5.48
N ARG C 22 19.61 4.43 -4.96
CA ARG C 22 18.74 3.55 -5.74
C ARG C 22 17.70 4.39 -6.50
N GLY C 23 17.83 5.71 -6.35
CA GLY C 23 16.97 6.67 -7.02
C GLY C 23 15.60 6.66 -6.45
N LEU C 24 15.56 6.88 -5.12
CA LEU C 24 14.33 6.86 -4.33
C LEU C 24 14.05 8.07 -3.47
N VAL C 25 14.75 9.16 -3.72
CA VAL C 25 14.52 10.38 -2.96
C VAL C 25 13.19 11.03 -3.36
N GLY C 26 12.82 10.90 -4.62
CA GLY C 26 11.60 11.49 -5.10
C GLY C 26 10.47 10.75 -4.45
N GLU C 27 10.40 9.46 -4.72
CA GLU C 27 9.37 8.58 -4.18
C GLU C 27 9.14 8.79 -2.69
N ILE C 28 10.22 8.70 -1.91
CA ILE C 28 10.12 8.87 -0.49
C ILE C 28 9.54 10.22 -0.12
N ILE C 29 10.05 11.30 -0.72
CA ILE C 29 9.55 12.64 -0.39
C ILE C 29 8.11 12.79 -0.82
N ALA C 30 7.78 12.25 -1.98
CA ALA C 30 6.43 12.34 -2.49
C ALA C 30 5.43 11.73 -1.53
N ARG C 31 5.82 10.65 -0.84
CA ARG C 31 4.92 9.94 0.06
C ARG C 31 4.48 10.77 1.25
N TYR C 32 5.42 11.43 1.91
CA TYR C 32 5.08 12.29 3.03
C TYR C 32 4.35 13.50 2.53
N GLU C 33 4.67 13.90 1.30
CA GLU C 33 4.07 15.05 0.64
C GLU C 33 2.60 14.83 0.34
N LYS C 34 2.26 13.61 -0.15
CA LYS C 34 0.87 13.23 -0.45
C LYS C 34 0.08 13.06 0.86
N LYS C 35 0.77 12.57 1.89
CA LYS C 35 0.19 12.40 3.21
C LYS C 35 -0.33 13.74 3.74
N GLY C 36 0.40 14.83 3.51
CA GLY C 36 -0.04 16.14 3.98
C GLY C 36 0.91 16.95 4.86
N PHE C 37 2.09 16.39 5.11
CA PHE C 37 3.06 17.03 5.97
C PHE C 37 3.79 18.04 5.16
N VAL C 38 4.23 19.13 5.80
CA VAL C 38 4.96 20.19 5.11
C VAL C 38 6.46 20.02 5.26
N LEU C 39 7.22 20.16 4.19
CA LEU C 39 8.67 20.03 4.27
C LEU C 39 9.14 21.36 4.83
N VAL C 40 9.93 21.23 5.88
CA VAL C 40 10.43 22.37 6.64
C VAL C 40 11.97 22.53 6.67
N GLY C 41 12.66 21.67 5.92
CA GLY C 41 14.10 21.70 5.81
C GLY C 41 14.41 20.62 4.79
N LEU C 42 15.62 20.60 4.22
CA LEU C 42 16.02 19.57 3.25
C LEU C 42 17.44 19.87 2.76
N LYS C 43 18.27 18.85 2.53
CA LYS C 43 19.63 19.10 2.03
C LYS C 43 20.42 17.82 1.80
N GLN C 44 21.10 17.70 0.67
CA GLN C 44 21.91 16.52 0.45
C GLN C 44 23.28 16.80 1.08
N LEU C 45 24.07 15.76 1.34
CA LEU C 45 25.41 15.87 1.97
C LEU C 45 26.05 14.52 2.31
N VAL C 46 27.35 14.56 2.62
CA VAL C 46 28.07 13.34 3.01
C VAL C 46 28.39 13.48 4.49
N PRO C 47 27.64 12.76 5.35
CA PRO C 47 27.85 12.82 6.80
C PRO C 47 29.24 12.40 7.21
N THR C 48 29.69 13.00 8.31
CA THR C 48 31.00 12.77 8.92
C THR C 48 30.89 11.82 10.10
N LYS C 49 31.92 11.00 10.27
CA LYS C 49 32.00 10.03 11.35
C LYS C 49 31.52 10.63 12.66
N ASP C 50 31.88 11.88 12.88
CA ASP C 50 31.50 12.59 14.10
C ASP C 50 29.98 12.64 14.24
N LEU C 51 29.31 13.31 13.31
CA LEU C 51 27.85 13.45 13.29
C LEU C 51 27.10 12.14 13.15
N ALA C 52 27.71 11.18 12.48
CA ALA C 52 27.10 9.87 12.28
C ALA C 52 27.15 9.08 13.59
N GLU C 53 28.33 9.06 14.22
CA GLU C 53 28.49 8.36 15.47
C GLU C 53 27.71 9.10 16.52
N SER C 54 27.49 10.37 16.29
CA SER C 54 26.72 11.15 17.23
C SER C 54 25.25 10.83 16.98
N HIS C 55 24.96 10.36 15.77
CA HIS C 55 23.58 10.05 15.40
C HIS C 55 23.19 8.72 16.05
N TYR C 56 24.06 7.73 15.86
CA TYR C 56 23.91 6.40 16.41
C TYR C 56 24.54 6.28 17.78
N ALA C 57 24.31 7.28 18.63
CA ALA C 57 24.88 7.26 19.98
C ALA C 57 24.32 6.05 20.73
N GLU C 58 23.00 5.91 20.71
CA GLU C 58 22.32 4.82 21.40
C GLU C 58 22.76 3.41 21.00
N HIS C 59 23.53 3.30 19.92
CA HIS C 59 23.99 1.98 19.44
C HIS C 59 25.49 1.73 19.56
N LYS C 60 26.18 2.53 20.37
CA LYS C 60 27.64 2.46 20.57
C LYS C 60 28.35 1.11 20.75
N GLU C 61 27.77 0.23 21.56
CA GLU C 61 28.38 -1.08 21.83
C GLU C 61 27.71 -2.22 21.06
N ARG C 62 26.64 -1.90 20.34
CA ARG C 62 25.94 -2.91 19.56
C ARG C 62 26.90 -3.37 18.47
N PRO C 63 26.96 -4.69 18.24
CA PRO C 63 27.84 -5.28 17.21
C PRO C 63 27.68 -4.76 15.77
N PHE C 64 26.64 -3.97 15.53
CA PHE C 64 26.37 -3.44 14.22
C PHE C 64 26.68 -1.97 14.10
N PHE C 65 26.90 -1.28 15.22
CA PHE C 65 27.23 0.14 15.16
C PHE C 65 28.44 0.29 14.27
N GLY C 66 29.23 -0.79 14.21
CA GLY C 66 30.42 -0.80 13.40
C GLY C 66 30.13 -0.34 11.99
N GLY C 67 29.70 -1.27 11.15
CA GLY C 67 29.37 -0.95 9.77
C GLY C 67 28.12 -0.09 9.63
N LEU C 68 27.65 0.48 10.73
CA LEU C 68 26.49 1.35 10.69
C LEU C 68 27.07 2.68 10.30
N VAL C 69 27.94 3.21 11.16
CA VAL C 69 28.58 4.50 10.90
C VAL C 69 29.35 4.48 9.57
N SER C 70 29.89 3.32 9.23
CA SER C 70 30.62 3.14 8.00
C SER C 70 29.80 3.17 6.71
N PHE C 71 28.48 3.27 6.82
CA PHE C 71 27.65 3.29 5.61
C PHE C 71 26.97 4.64 5.40
N ILE C 72 26.56 5.27 6.47
CA ILE C 72 25.91 6.56 6.36
C ILE C 72 26.95 7.68 6.06
N THR C 73 28.16 7.27 5.66
CA THR C 73 29.25 8.19 5.32
C THR C 73 30.01 7.69 4.09
N SER C 74 29.47 6.68 3.41
CA SER C 74 30.08 6.13 2.19
C SER C 74 29.44 6.76 0.96
N GLY C 75 28.73 7.86 1.18
CA GLY C 75 28.06 8.48 0.09
C GLY C 75 27.10 9.48 0.65
N PRO C 76 26.23 10.05 -0.20
CA PRO C 76 25.20 11.06 0.00
C PRO C 76 24.03 10.62 0.88
N VAL C 77 23.47 11.60 1.58
CA VAL C 77 22.35 11.40 2.50
C VAL C 77 21.43 12.58 2.28
N VAL C 78 20.13 12.36 2.17
CA VAL C 78 19.22 13.50 2.03
C VAL C 78 18.51 13.66 3.38
N ALA C 79 18.85 14.71 4.10
CA ALA C 79 18.25 14.95 5.40
C ALA C 79 17.02 15.76 5.17
N MET C 80 16.07 15.63 6.08
CA MET C 80 14.84 16.39 5.97
C MET C 80 14.06 16.38 7.27
N VAL C 81 13.20 17.38 7.36
CA VAL C 81 12.32 17.67 8.49
C VAL C 81 10.95 17.91 7.86
N PHE C 82 9.89 17.37 8.45
CA PHE C 82 8.55 17.58 7.92
C PHE C 82 7.79 18.04 9.11
N GLU C 83 6.57 18.49 8.89
CA GLU C 83 5.77 18.98 9.98
C GLU C 83 4.26 18.79 9.83
N GLY C 84 3.62 18.48 10.96
CA GLY C 84 2.19 18.28 11.00
C GLY C 84 1.87 17.44 12.19
N LYS C 85 0.59 17.17 12.39
CA LYS C 85 0.10 16.33 13.49
C LYS C 85 0.75 14.98 13.54
N GLY C 86 1.12 14.53 14.73
CA GLY C 86 1.75 13.23 14.90
C GLY C 86 2.62 12.74 13.76
N VAL C 87 3.27 13.67 13.08
CA VAL C 87 4.12 13.27 11.99
C VAL C 87 5.14 12.25 12.45
N VAL C 88 5.71 12.47 13.65
CA VAL C 88 6.73 11.56 14.19
C VAL C 88 6.27 10.10 14.20
N ALA C 89 5.08 9.86 14.72
CA ALA C 89 4.54 8.51 14.77
C ALA C 89 4.11 8.06 13.38
N SER C 90 3.46 8.96 12.64
CA SER C 90 3.00 8.60 11.31
C SER C 90 4.12 8.24 10.34
N ALA C 91 5.26 8.89 10.49
CA ALA C 91 6.39 8.65 9.61
C ALA C 91 6.85 7.24 9.74
N ARG C 92 7.18 6.85 10.96
CA ARG C 92 7.66 5.49 11.26
C ARG C 92 6.72 4.43 10.66
N LEU C 93 5.42 4.62 10.88
CA LEU C 93 4.39 3.73 10.33
C LEU C 93 4.54 3.58 8.81
N MET C 94 4.81 4.69 8.15
CA MET C 94 4.97 4.68 6.70
C MET C 94 6.29 4.07 6.35
N ILE C 95 7.27 4.14 7.24
CA ILE C 95 8.56 3.55 6.94
C ILE C 95 8.48 2.06 7.00
N GLY C 96 7.77 1.55 7.99
CA GLY C 96 7.63 0.12 8.16
C GLY C 96 8.28 -0.32 9.46
N VAL C 97 8.97 -1.44 9.45
CA VAL C 97 9.66 -1.97 10.62
C VAL C 97 11.11 -2.23 10.19
N THR C 98 12.01 -2.29 11.18
CA THR C 98 13.43 -2.53 10.96
C THR C 98 13.80 -3.54 9.89
N ASN C 99 13.22 -4.72 9.94
CA ASN C 99 13.55 -5.67 8.91
C ASN C 99 12.62 -5.34 7.76
N PRO C 100 13.20 -4.99 6.61
CA PRO C 100 12.40 -4.66 5.44
C PRO C 100 11.58 -5.85 5.01
N LEU C 101 12.11 -7.04 5.21
CA LEU C 101 11.37 -8.23 4.82
C LEU C 101 10.10 -8.44 5.63
N ALA C 102 10.09 -7.85 6.82
CA ALA C 102 8.96 -7.94 7.73
C ALA C 102 8.05 -6.75 7.63
N SER C 103 8.39 -5.76 6.80
CA SER C 103 7.57 -4.56 6.72
C SER C 103 6.40 -4.80 5.80
N ALA C 104 5.26 -4.20 6.11
CA ALA C 104 4.08 -4.43 5.29
C ALA C 104 4.14 -3.70 3.96
N PRO C 105 3.50 -4.25 2.92
CA PRO C 105 3.51 -3.59 1.63
C PRO C 105 2.73 -2.31 1.85
N GLY C 106 3.19 -1.22 1.26
CA GLY C 106 2.52 0.05 1.42
C GLY C 106 3.41 0.92 2.27
N SER C 107 4.33 0.29 2.99
CA SER C 107 5.28 1.04 3.82
C SER C 107 6.55 1.19 2.95
N ILE C 108 7.50 2.00 3.40
CA ILE C 108 8.68 2.21 2.59
C ILE C 108 9.62 1.02 2.61
N ARG C 109 10.00 0.51 3.79
CA ARG C 109 10.90 -0.64 3.82
C ARG C 109 10.17 -1.85 3.26
N GLY C 110 8.86 -1.89 3.44
CA GLY C 110 8.09 -3.01 2.94
C GLY C 110 8.09 -3.10 1.43
N ASP C 111 7.96 -1.96 0.78
CA ASP C 111 7.95 -1.91 -0.69
C ASP C 111 9.31 -1.99 -1.38
N PHE C 112 10.39 -1.46 -0.79
CA PHE C 112 11.71 -1.44 -1.46
C PHE C 112 12.89 -2.03 -0.71
N GLY C 113 12.72 -2.38 0.57
CA GLY C 113 13.84 -2.89 1.33
C GLY C 113 13.87 -4.40 1.29
N VAL C 114 15.01 -4.97 1.64
CA VAL C 114 15.18 -6.43 1.66
C VAL C 114 16.25 -6.91 2.67
N ASP C 115 17.08 -6.01 3.19
CA ASP C 115 18.14 -6.35 4.14
C ASP C 115 18.13 -5.29 5.20
N VAL C 116 18.58 -5.62 6.41
CA VAL C 116 18.60 -4.68 7.55
C VAL C 116 19.71 -3.62 7.48
N GLY C 117 20.78 -3.95 6.76
CA GLY C 117 21.91 -3.03 6.61
C GLY C 117 21.59 -1.95 5.58
N ARG C 118 20.90 -2.40 4.54
CA ARG C 118 20.46 -1.57 3.45
C ARG C 118 18.96 -1.37 3.58
N ASN C 119 18.53 -0.79 4.69
CA ASN C 119 17.12 -0.60 4.87
C ASN C 119 16.64 0.78 4.46
N ILE C 120 17.39 1.42 3.57
CA ILE C 120 16.97 2.69 2.98
C ILE C 120 16.77 4.04 3.72
N ILE C 121 15.90 4.11 4.73
CA ILE C 121 15.60 5.39 5.41
C ILE C 121 15.64 5.37 6.95
N HIS C 122 15.87 6.52 7.58
CA HIS C 122 15.91 6.66 9.02
C HIS C 122 14.73 7.54 9.43
N GLY C 123 14.26 7.37 10.66
CA GLY C 123 13.17 8.20 11.15
C GLY C 123 13.30 8.49 12.62
N SER C 124 12.60 9.51 13.10
CA SER C 124 12.65 9.86 14.51
C SER C 124 11.61 9.03 15.28
N ASP C 125 12.04 8.24 16.26
CA ASP C 125 11.09 7.41 17.02
C ASP C 125 10.28 8.04 18.13
N SER C 126 10.61 9.28 18.49
CA SER C 126 9.90 10.04 19.54
C SER C 126 10.21 11.54 19.39
N VAL C 127 9.26 12.42 19.68
CA VAL C 127 9.51 13.85 19.55
C VAL C 127 10.88 14.26 20.09
N GLU C 128 11.16 13.82 21.31
CA GLU C 128 12.41 14.10 21.99
C GLU C 128 13.60 13.71 21.13
N SER C 129 13.48 12.60 20.44
CA SER C 129 14.52 12.13 19.54
C SER C 129 14.56 12.94 18.19
N ALA C 130 13.38 13.38 17.71
CA ALA C 130 13.32 14.17 16.49
C ALA C 130 14.11 15.42 16.81
N ASN C 131 13.59 16.18 17.77
CA ASN C 131 14.22 17.41 18.22
C ASN C 131 15.70 17.27 18.50
N ARG C 132 16.12 16.05 18.81
CA ARG C 132 17.50 15.77 19.10
C ARG C 132 18.31 15.56 17.80
N GLU C 133 17.76 14.85 16.82
CA GLU C 133 18.50 14.60 15.57
C GLU C 133 18.39 15.80 14.61
N ILE C 134 17.31 16.58 14.75
CA ILE C 134 17.09 17.77 13.93
C ILE C 134 18.21 18.76 14.20
N ALA C 135 18.43 19.08 15.47
CA ALA C 135 19.46 20.04 15.87
C ALA C 135 20.86 19.56 15.49
N LEU C 136 21.00 18.25 15.40
CA LEU C 136 22.30 17.69 15.03
C LEU C 136 22.56 18.08 13.60
N TRP C 137 21.73 17.57 12.69
CA TRP C 137 21.88 17.80 11.26
C TRP C 137 21.53 19.18 10.73
N PHE C 138 20.63 19.88 11.40
CA PHE C 138 20.20 21.17 10.93
C PHE C 138 20.53 22.37 11.81
N LYS C 139 21.06 23.41 11.17
CA LYS C 139 21.39 24.66 11.84
C LYS C 139 20.03 25.37 11.96
N PRO C 140 19.81 26.21 13.00
CA PRO C 140 18.53 26.91 13.17
C PRO C 140 17.97 27.77 12.00
N GLU C 141 18.86 28.20 11.10
CA GLU C 141 18.50 29.04 9.93
C GLU C 141 18.32 28.30 8.60
N GLU C 142 18.13 26.97 8.69
CA GLU C 142 17.92 26.14 7.51
C GLU C 142 16.52 25.51 7.53
N LEU C 143 15.68 25.96 8.46
CA LEU C 143 14.33 25.41 8.62
C LEU C 143 13.28 26.49 8.56
N LEU C 144 12.18 26.25 7.84
CA LEU C 144 11.11 27.24 7.70
C LEU C 144 10.45 27.67 9.00
N THR C 145 9.72 28.78 8.99
CA THR C 145 9.02 29.27 10.18
C THR C 145 7.57 29.64 9.89
N GLU C 146 7.35 30.47 8.88
CA GLU C 146 5.99 30.84 8.51
C GLU C 146 5.50 29.66 7.66
N VAL C 147 4.75 28.78 8.31
CA VAL C 147 4.25 27.64 7.60
C VAL C 147 2.74 27.74 7.46
N LYS C 148 2.26 27.11 6.41
CA LYS C 148 0.84 27.08 6.10
C LYS C 148 0.56 25.85 5.21
N PRO C 149 0.15 24.72 5.86
CA PRO C 149 -0.16 23.48 5.12
C PRO C 149 -1.40 23.75 4.28
N ASN C 150 -1.85 22.77 3.50
CA ASN C 150 -3.06 22.97 2.69
C ASN C 150 -4.16 23.44 3.65
N PRO C 151 -4.94 24.46 3.28
CA PRO C 151 -6.00 24.96 4.14
C PRO C 151 -7.14 23.97 4.32
N ASN C 152 -7.14 22.92 3.49
CA ASN C 152 -8.13 21.87 3.50
C ASN C 152 -7.68 20.69 4.34
N LEU C 153 -6.43 20.73 4.79
CA LEU C 153 -5.83 19.65 5.56
C LEU C 153 -6.21 19.53 7.03
N TYR C 154 -6.33 20.65 7.74
CA TYR C 154 -6.70 20.61 9.15
C TYR C 154 -8.06 21.26 9.39
N GLU C 155 -8.71 20.85 10.48
CA GLU C 155 -10.01 21.41 10.85
C GLU C 155 -9.79 22.74 11.62
#